data_6BA2
#
_entry.id   6BA2
#
_cell.length_a   46.231
_cell.length_b   56.916
_cell.length_c   120.999
_cell.angle_alpha   90.000
_cell.angle_beta   90.000
_cell.angle_gamma   90.000
#
_symmetry.space_group_name_H-M   'P 21 21 21'
#
loop_
_entity.id
_entity.type
_entity.pdbx_description
1 polymer 'Histone acetyltransferase KAT8'
2 non-polymer 'CHLORIDE ION'
3 non-polymer 'ZINC ION'
4 non-polymer GLYCEROL
5 non-polymer 'SODIUM ION'
6 non-polymer "4-fluoro-5-methyl-N'-(phenylsulfonyl)[1,1'-biphenyl]-3-carbohydrazide"
7 water water
#
_entity_poly.entity_id   1
_entity_poly.type   'polypeptide(L)'
_entity_poly.pdbx_seq_one_letter_code
;MGSSHHHHHHSSGLVPRGSTKVKYVDKIHIGNYEIDAWYFSPFPEDYGKQPKLWLCEYCLKYMKYEKSYRFHLGQCQWRQ
PPGKEIYRKSNISVHEVDGKDHKIYCQNLCLLAKLFLDH(ALY)TLYFDVEPFVFYILTEVDRQGAHIVGYFSKEKESPD
GNNVSCIMILPPYQRRGYGRFLIAFSYELSKLESTVGSPEKPLSDLGKLSYRSYWSSVLLENLRDFRGTLSIKDLSQMTS
ITQNDIISTLQSLNMVKYWKGQHVICVTPKLVEEHLKSAQYKKPPITVDSVCLKWAPPK
;
_entity_poly.pdbx_strand_id   A
#
# COMPACT_ATOMS: atom_id res chain seq x y z
N LYS A 23 -5.56 28.82 6.39
CA LYS A 23 -6.08 27.59 6.95
C LYS A 23 -5.53 26.38 6.21
N TYR A 24 -5.79 25.19 6.74
CA TYR A 24 -5.45 23.94 6.08
C TYR A 24 -6.70 23.28 5.52
N VAL A 25 -6.49 22.43 4.51
CA VAL A 25 -7.56 21.52 4.11
C VAL A 25 -7.87 20.56 5.25
N ASP A 26 -9.10 20.53 5.69
CA ASP A 26 -9.45 19.61 6.77
C ASP A 26 -10.48 18.56 6.36
N LYS A 27 -11.00 18.60 5.14
CA LYS A 27 -12.02 17.63 4.77
C LYS A 27 -11.98 17.48 3.27
N ILE A 28 -12.18 16.25 2.76
CA ILE A 28 -12.31 16.06 1.32
C ILE A 28 -13.59 15.31 0.98
N HIS A 29 -14.12 15.59 -0.20
CA HIS A 29 -15.14 14.77 -0.80
C HIS A 29 -14.49 14.00 -1.94
N ILE A 30 -14.58 12.68 -1.91
CA ILE A 30 -14.05 11.87 -3.01
C ILE A 30 -15.00 10.69 -3.25
N GLY A 31 -15.46 10.54 -4.48
CA GLY A 31 -16.44 9.48 -4.74
C GLY A 31 -17.73 9.78 -3.99
N ASN A 32 -18.23 8.79 -3.27
CA ASN A 32 -19.39 8.98 -2.40
C ASN A 32 -19.01 9.18 -0.94
N TYR A 33 -17.77 9.57 -0.66
CA TYR A 33 -17.30 9.72 0.71
C TYR A 33 -16.91 11.15 1.03
N GLU A 34 -17.19 11.56 2.26
CA GLU A 34 -16.56 12.73 2.87
C GLU A 34 -15.62 12.23 3.95
N ILE A 35 -14.36 12.67 3.89
CA ILE A 35 -13.32 12.14 4.76
C ILE A 35 -12.62 13.29 5.47
N ASP A 36 -12.55 13.23 6.81
CA ASP A 36 -11.77 14.23 7.52
C ASP A 36 -10.28 13.98 7.35
N ALA A 37 -9.50 15.06 7.24
CA ALA A 37 -8.05 14.96 7.16
C ALA A 37 -7.43 14.57 8.50
N TRP A 38 -6.27 13.90 8.43
CA TRP A 38 -5.45 13.63 9.61
C TRP A 38 -4.22 14.53 9.73
N TYR A 39 -3.76 15.12 8.63
CA TYR A 39 -2.51 15.87 8.62
C TYR A 39 -2.54 16.97 7.57
N PHE A 40 -1.66 17.94 7.76
CA PHE A 40 -1.42 18.95 6.74
C PHE A 40 -0.98 18.30 5.43
N SER A 41 -1.50 18.80 4.30
CA SER A 41 -0.96 18.48 2.98
C SER A 41 -0.83 19.76 2.18
N PRO A 42 0.30 19.96 1.48
CA PRO A 42 0.61 21.25 0.81
C PRO A 42 -0.11 21.45 -0.52
N PHE A 43 -1.44 21.36 -0.51
CA PHE A 43 -2.16 21.84 -1.67
C PHE A 43 -1.87 23.34 -1.86
N PRO A 44 -1.97 23.86 -3.09
CA PRO A 44 -1.86 25.33 -3.28
C PRO A 44 -2.66 26.11 -2.24
N GLU A 45 -2.20 27.31 -1.84
CA GLU A 45 -2.81 27.93 -0.67
C GLU A 45 -4.26 28.31 -0.89
N ASP A 46 -4.66 28.61 -2.13
CA ASP A 46 -6.07 28.82 -2.41
C ASP A 46 -6.86 27.54 -2.21
N TYR A 47 -6.34 26.42 -2.72
CA TYR A 47 -6.94 25.12 -2.40
C TYR A 47 -6.79 24.81 -0.91
N GLY A 48 -5.55 24.91 -0.41
CA GLY A 48 -5.30 24.73 1.01
C GLY A 48 -6.23 25.56 1.89
N LYS A 49 -6.47 26.81 1.47
CA LYS A 49 -7.28 27.73 2.26
C LYS A 49 -8.77 27.36 2.23
N GLN A 50 -9.18 26.54 1.27
CA GLN A 50 -10.54 26.04 1.28
C GLN A 50 -10.71 25.10 2.46
N PRO A 51 -11.86 25.13 3.15
CA PRO A 51 -12.08 24.15 4.22
C PRO A 51 -12.16 22.73 3.69
N LYS A 52 -12.76 22.55 2.50
CA LYS A 52 -13.08 21.22 1.96
C LYS A 52 -12.73 21.22 0.49
N LEU A 53 -11.98 20.22 0.06
CA LEU A 53 -11.70 20.05 -1.35
C LEU A 53 -12.52 18.89 -1.88
N TRP A 54 -12.77 18.92 -3.18
CA TRP A 54 -13.57 17.92 -3.85
C TRP A 54 -12.65 17.23 -4.84
N LEU A 55 -12.54 15.90 -4.77
CA LEU A 55 -11.60 15.15 -5.62
C LEU A 55 -12.35 14.21 -6.55
N CYS A 56 -12.05 14.28 -7.84
CA CYS A 56 -12.47 13.25 -8.76
C CYS A 56 -11.83 11.93 -8.39
N GLU A 57 -12.64 10.89 -8.16
CA GLU A 57 -12.09 9.61 -7.71
C GLU A 57 -11.30 8.90 -8.81
N TYR A 58 -11.47 9.32 -10.07
CA TYR A 58 -10.89 8.65 -11.23
C TYR A 58 -9.59 9.30 -11.72
N CYS A 59 -9.59 10.62 -11.97
CA CYS A 59 -8.38 11.32 -12.41
C CYS A 59 -7.67 12.08 -11.30
N LEU A 60 -8.30 12.17 -10.12
CA LEU A 60 -7.75 12.81 -8.91
C LEU A 60 -7.57 14.32 -9.05
N LYS A 61 -8.23 14.95 -10.02
CA LYS A 61 -8.29 16.39 -10.04
C LYS A 61 -8.91 16.88 -8.73
N TYR A 62 -8.33 17.91 -8.13
CA TYR A 62 -8.92 18.47 -6.93
C TYR A 62 -9.54 19.82 -7.28
N MET A 63 -10.71 20.05 -6.71
CA MET A 63 -11.54 21.20 -7.04
C MET A 63 -11.97 21.90 -5.76
N LYS A 64 -12.26 23.19 -5.90
CA LYS A 64 -12.58 24.02 -4.75
C LYS A 64 -14.05 24.06 -4.41
N TYR A 65 -14.94 23.72 -5.35
CA TYR A 65 -16.34 24.00 -5.17
C TYR A 65 -17.20 22.82 -5.55
N GLU A 66 -18.34 22.67 -4.86
CA GLU A 66 -19.28 21.62 -5.24
C GLU A 66 -19.72 21.76 -6.70
N LYS A 67 -19.90 22.99 -7.18
CA LYS A 67 -20.38 23.15 -8.56
C LYS A 67 -19.31 22.78 -9.59
N SER A 68 -18.05 23.10 -9.31
CA SER A 68 -17.03 22.68 -10.26
C SER A 68 -16.82 21.18 -10.21
N TYR A 69 -16.95 20.59 -9.02
CA TYR A 69 -16.92 19.14 -8.91
C TYR A 69 -18.05 18.49 -9.72
N ARG A 70 -19.29 18.96 -9.56
CA ARG A 70 -20.40 18.36 -10.28
C ARG A 70 -20.23 18.50 -11.79
N PHE A 71 -19.76 19.66 -12.24
CA PHE A 71 -19.51 19.81 -13.66
C PHE A 71 -18.46 18.81 -14.14
N HIS A 72 -17.34 18.71 -13.41
CA HIS A 72 -16.29 17.77 -13.78
C HIS A 72 -16.83 16.34 -13.85
N LEU A 73 -17.67 15.92 -12.90
CA LEU A 73 -18.16 14.55 -12.92
C LEU A 73 -18.85 14.23 -14.23
N GLY A 74 -19.54 15.21 -14.81
CA GLY A 74 -20.20 14.98 -16.10
C GLY A 74 -19.26 15.01 -17.28
N GLN A 75 -18.11 15.66 -17.14
CA GLN A 75 -17.18 15.80 -18.25
C GLN A 75 -16.12 14.72 -18.27
N CYS A 76 -15.70 14.23 -17.11
CA CYS A 76 -14.50 13.43 -17.02
C CYS A 76 -14.72 12.10 -17.73
N GLN A 77 -13.79 11.74 -18.60
CA GLN A 77 -13.92 10.51 -19.34
C GLN A 77 -13.30 9.32 -18.63
N TRP A 78 -12.48 9.57 -17.60
CA TRP A 78 -11.79 8.47 -16.94
C TRP A 78 -12.74 7.71 -16.03
N ARG A 79 -12.62 6.38 -16.03
CA ARG A 79 -13.36 5.56 -15.09
C ARG A 79 -12.43 4.59 -14.36
N GLN A 80 -11.13 4.83 -14.44
CA GLN A 80 -10.13 4.00 -13.77
C GLN A 80 -8.81 4.77 -13.77
N PRO A 81 -7.84 4.36 -12.96
CA PRO A 81 -6.56 5.05 -12.95
C PRO A 81 -5.87 4.88 -14.29
N PRO A 82 -4.90 5.71 -14.56
CA PRO A 82 -4.09 5.56 -15.78
C PRO A 82 -3.08 4.43 -15.64
N GLY A 83 -2.20 4.25 -16.62
CA GLY A 83 -1.20 3.20 -16.55
C GLY A 83 -1.70 1.80 -16.86
N LYS A 84 -0.81 0.85 -16.55
CA LYS A 84 -1.00 -0.55 -16.90
C LYS A 84 -1.80 -1.24 -15.80
N GLU A 85 -2.84 -1.98 -16.17
CA GLU A 85 -3.52 -2.83 -15.19
C GLU A 85 -2.69 -4.09 -15.01
N ILE A 86 -1.87 -4.12 -13.96
CA ILE A 86 -0.96 -5.25 -13.77
C ILE A 86 -1.59 -6.34 -12.92
N TYR A 87 -2.79 -6.13 -12.38
CA TYR A 87 -3.49 -7.16 -11.63
C TYR A 87 -4.98 -7.01 -11.80
N ARG A 88 -5.64 -8.10 -12.15
CA ARG A 88 -7.10 -8.11 -12.18
C ARG A 88 -7.58 -9.50 -11.79
N LYS A 89 -8.28 -9.61 -10.67
CA LYS A 89 -8.95 -10.85 -10.29
C LYS A 89 -10.35 -10.47 -9.85
N SER A 90 -11.32 -10.90 -10.63
CA SER A 90 -12.72 -10.55 -10.39
C SER A 90 -12.79 -9.01 -10.46
N ASN A 91 -13.25 -8.34 -9.40
CA ASN A 91 -13.41 -6.89 -9.42
C ASN A 91 -12.31 -6.17 -8.62
N ILE A 92 -11.17 -6.83 -8.40
CA ILE A 92 -10.04 -6.23 -7.69
C ILE A 92 -8.94 -5.97 -8.70
N SER A 93 -8.48 -4.72 -8.76
CA SER A 93 -7.60 -4.27 -9.84
C SER A 93 -6.44 -3.49 -9.23
N VAL A 94 -5.25 -3.69 -9.77
CA VAL A 94 -4.11 -2.83 -9.46
C VAL A 94 -3.58 -2.23 -10.75
N HIS A 95 -3.42 -0.91 -10.77
CA HIS A 95 -2.78 -0.21 -11.87
C HIS A 95 -1.37 0.21 -11.48
N GLU A 96 -0.44 0.06 -12.40
CA GLU A 96 0.95 0.49 -12.23
C GLU A 96 1.13 1.80 -12.99
N VAL A 97 1.48 2.86 -12.27
CA VAL A 97 1.52 4.22 -12.83
C VAL A 97 2.92 4.76 -12.66
N ASP A 98 3.57 5.06 -13.78
CA ASP A 98 4.91 5.64 -13.74
C ASP A 98 4.81 7.14 -13.48
N GLY A 99 5.51 7.61 -12.44
CA GLY A 99 5.44 9.02 -12.07
C GLY A 99 6.03 9.94 -13.13
N LYS A 100 6.92 9.41 -13.97
CA LYS A 100 7.45 10.19 -15.08
C LYS A 100 6.43 10.34 -16.20
N ASP A 101 5.53 9.36 -16.37
CA ASP A 101 4.57 9.37 -17.46
C ASP A 101 3.20 9.96 -17.11
N HIS A 102 2.81 9.97 -15.84
CA HIS A 102 1.55 10.60 -15.43
C HIS A 102 1.80 11.48 -14.22
N LYS A 103 2.62 12.50 -14.43
CA LYS A 103 3.13 13.32 -13.33
C LYS A 103 2.00 13.98 -12.54
N ILE A 104 1.06 14.62 -13.23
CA ILE A 104 0.00 15.33 -12.51
C ILE A 104 -0.81 14.37 -11.67
N TYR A 105 -1.26 13.27 -12.27
CA TYR A 105 -2.02 12.27 -11.52
C TYR A 105 -1.25 11.82 -10.29
N CYS A 106 0.04 11.53 -10.44
CA CYS A 106 0.81 11.04 -9.30
C CYS A 106 1.02 12.12 -8.27
N GLN A 107 1.17 13.38 -8.68
CA GLN A 107 1.29 14.44 -7.70
C GLN A 107 -0.01 14.56 -6.91
N ASN A 108 -1.14 14.52 -7.62
CA ASN A 108 -2.43 14.62 -6.95
C ASN A 108 -2.64 13.47 -5.98
N LEU A 109 -2.18 12.27 -6.36
CA LEU A 109 -2.26 11.12 -5.47
C LEU A 109 -1.41 11.32 -4.22
N CYS A 110 -0.20 11.88 -4.38
CA CYS A 110 0.65 12.14 -3.22
C CYS A 110 0.03 13.18 -2.30
N LEU A 111 -0.63 14.20 -2.85
CA LEU A 111 -1.27 15.21 -2.01
C LEU A 111 -2.43 14.61 -1.22
N LEU A 112 -3.22 13.75 -1.87
CA LEU A 112 -4.27 13.03 -1.17
C LEU A 112 -3.69 12.18 -0.05
N ALA A 113 -2.62 11.45 -0.36
CA ALA A 113 -2.02 10.56 0.62
C ALA A 113 -1.50 11.32 1.82
N LYS A 114 -0.93 12.50 1.58
CA LYS A 114 -0.31 13.24 2.67
C LYS A 114 -1.34 13.67 3.71
N LEU A 115 -2.61 13.78 3.32
CA LEU A 115 -3.68 14.03 4.30
C LEU A 115 -3.78 12.95 5.36
N PHE A 116 -3.27 11.74 5.10
CA PHE A 116 -3.37 10.63 6.03
C PHE A 116 -2.03 10.06 6.46
N LEU A 117 -0.91 10.65 6.00
CA LEU A 117 0.43 10.17 6.32
C LEU A 117 1.22 11.30 6.98
N ASP A 118 1.68 11.08 8.20
CA ASP A 118 2.49 12.08 8.90
C ASP A 118 3.84 12.28 8.21
N HIS A 119 4.48 11.20 7.79
CA HIS A 119 5.91 11.20 7.49
C HIS A 119 6.26 11.41 6.03
N THR A 121 7.06 13.09 2.70
CA THR A 121 7.66 14.39 2.45
C THR A 121 7.73 14.75 0.97
N LEU A 122 7.40 13.78 0.13
CA LEU A 122 7.59 13.92 -1.31
C LEU A 122 6.20 13.93 -1.96
N TYR A 123 5.90 15.00 -2.70
CA TYR A 123 4.56 15.17 -3.28
C TYR A 123 4.60 15.58 -4.74
N PHE A 124 5.61 16.35 -5.11
CA PHE A 124 5.69 16.92 -6.45
C PHE A 124 6.77 16.31 -7.31
N ASP A 125 7.88 15.91 -6.72
CA ASP A 125 8.97 15.29 -7.47
C ASP A 125 8.73 13.78 -7.57
N VAL A 126 7.72 13.41 -8.36
CA VAL A 126 7.22 12.05 -8.40
C VAL A 126 7.89 11.20 -9.47
N GLU A 127 8.74 11.78 -10.31
CA GLU A 127 9.33 11.02 -11.40
C GLU A 127 10.17 9.81 -10.97
N PRO A 128 10.85 9.82 -9.82
CA PRO A 128 11.62 8.64 -9.42
C PRO A 128 10.77 7.44 -8.98
N PHE A 129 9.44 7.57 -8.92
CA PHE A 129 8.58 6.56 -8.30
C PHE A 129 7.65 5.89 -9.29
N VAL A 130 7.30 4.65 -8.98
CA VAL A 130 6.15 3.99 -9.61
C VAL A 130 5.08 3.84 -8.52
N PHE A 131 3.82 3.98 -8.92
CA PHE A 131 2.69 3.97 -8.00
C PHE A 131 1.78 2.81 -8.32
N TYR A 132 1.35 2.07 -7.30
CA TYR A 132 0.48 0.92 -7.49
C TYR A 132 -0.85 1.28 -6.85
N ILE A 133 -1.89 1.39 -7.67
CA ILE A 133 -3.17 1.91 -7.23
C ILE A 133 -4.13 0.75 -7.14
N LEU A 134 -4.71 0.56 -5.97
CA LEU A 134 -5.68 -0.50 -5.73
C LEU A 134 -7.09 0.05 -5.94
N THR A 135 -7.89 -0.64 -6.75
CA THR A 135 -9.27 -0.23 -6.96
C THR A 135 -10.21 -1.42 -6.82
N GLU A 136 -11.44 -1.09 -6.46
CA GLU A 136 -12.57 -2.01 -6.37
C GLU A 136 -13.57 -1.58 -7.44
N VAL A 137 -13.93 -2.51 -8.35
CA VAL A 137 -14.66 -2.15 -9.57
C VAL A 137 -16.12 -2.49 -9.43
N ASP A 138 -16.99 -1.63 -9.98
CA ASP A 138 -18.39 -1.96 -10.19
C ASP A 138 -18.79 -1.46 -11.58
N ARG A 139 -20.10 -1.49 -11.86
CA ARG A 139 -20.59 -1.09 -13.17
C ARG A 139 -20.19 0.34 -13.55
N GLN A 140 -19.96 1.20 -12.56
CA GLN A 140 -19.66 2.60 -12.85
C GLN A 140 -18.19 2.83 -13.16
N GLY A 141 -17.29 2.15 -12.46
CA GLY A 141 -15.89 2.31 -12.70
C GLY A 141 -15.07 1.63 -11.62
N ALA A 142 -13.79 1.94 -11.62
CA ALA A 142 -12.82 1.35 -10.68
C ALA A 142 -12.56 2.39 -9.58
N HIS A 143 -12.97 2.08 -8.37
CA HIS A 143 -13.00 3.04 -7.26
C HIS A 143 -11.74 2.90 -6.40
N ILE A 144 -11.03 4.02 -6.21
CA ILE A 144 -9.71 3.97 -5.58
C ILE A 144 -9.85 3.62 -4.10
N VAL A 145 -9.01 2.69 -3.63
CA VAL A 145 -9.00 2.26 -2.23
C VAL A 145 -7.74 2.74 -1.52
N GLY A 146 -6.61 2.68 -2.20
CA GLY A 146 -5.33 2.93 -1.58
C GLY A 146 -4.24 2.73 -2.60
N TYR A 147 -3.00 2.86 -2.15
CA TYR A 147 -1.88 2.79 -3.07
C TYR A 147 -0.61 2.53 -2.27
N PHE A 148 0.44 2.12 -2.98
CA PHE A 148 1.78 2.27 -2.43
C PHE A 148 2.69 2.76 -3.54
N SER A 149 3.68 3.55 -3.13
CA SER A 149 4.72 4.05 -4.01
C SER A 149 5.97 3.23 -3.80
N LYS A 150 6.84 3.27 -4.82
CA LYS A 150 8.01 2.41 -4.86
C LYS A 150 9.05 3.11 -5.72
N GLU A 151 10.26 3.28 -5.18
CA GLU A 151 11.37 3.84 -5.95
C GLU A 151 11.71 2.93 -7.12
N LYS A 152 11.81 3.50 -8.31
CA LYS A 152 12.30 2.74 -9.46
C LYS A 152 13.67 2.15 -9.19
N GLU A 153 14.52 2.87 -8.46
CA GLU A 153 15.80 2.36 -7.95
C GLU A 153 15.88 2.67 -6.46
N SER A 154 15.90 1.61 -5.63
CA SER A 154 16.00 1.77 -4.19
C SER A 154 17.35 1.27 -3.69
N PRO A 155 18.34 2.14 -3.49
CA PRO A 155 19.60 1.67 -2.90
C PRO A 155 19.42 0.93 -1.59
N ASP A 156 18.41 1.28 -0.79
CA ASP A 156 18.21 0.69 0.52
C ASP A 156 17.41 -0.61 0.50
N GLY A 157 17.09 -1.15 -0.67
CA GLY A 157 16.22 -2.31 -0.71
C GLY A 157 14.88 -2.11 -0.02
N ASN A 158 14.21 -1.01 -0.30
CA ASN A 158 12.83 -0.82 0.14
C ASN A 158 11.90 -1.19 -1.00
N ASN A 159 10.97 -2.10 -0.74
CA ASN A 159 10.01 -2.49 -1.76
C ASN A 159 8.70 -1.73 -1.64
N VAL A 160 8.59 -0.88 -0.64
CA VAL A 160 7.51 0.08 -0.47
C VAL A 160 8.15 1.37 0.04
N SER A 161 7.81 2.52 -0.57
CA SER A 161 8.17 3.82 0.02
C SER A 161 7.07 4.29 0.97
N CYS A 162 5.91 4.66 0.42
CA CYS A 162 4.77 4.99 1.27
C CYS A 162 3.60 4.09 0.90
N ILE A 163 2.72 3.85 1.87
CA ILE A 163 1.58 2.99 1.64
C ILE A 163 0.40 3.52 2.44
N MET A 164 -0.78 3.60 1.81
CA MET A 164 -1.93 4.30 2.40
C MET A 164 -3.22 3.67 1.90
N ILE A 165 -4.13 3.37 2.83
CA ILE A 165 -5.50 2.94 2.56
C ILE A 165 -6.42 4.05 3.03
N LEU A 166 -7.36 4.46 2.18
CA LEU A 166 -8.27 5.54 2.58
C LEU A 166 -9.11 5.09 3.76
N PRO A 167 -9.44 5.98 4.69
CA PRO A 167 -10.08 5.58 5.97
C PRO A 167 -11.29 4.65 5.81
N PRO A 168 -12.25 4.95 4.93
CA PRO A 168 -13.41 4.05 4.83
C PRO A 168 -13.06 2.61 4.47
N TYR A 169 -11.84 2.36 3.98
CA TYR A 169 -11.43 1.02 3.61
C TYR A 169 -10.44 0.41 4.59
N GLN A 170 -10.04 1.13 5.63
CA GLN A 170 -9.02 0.63 6.53
C GLN A 170 -9.55 -0.54 7.36
N ARG A 171 -8.63 -1.41 7.78
CA ARG A 171 -8.95 -2.55 8.63
C ARG A 171 -9.99 -3.48 8.01
N ARG A 172 -9.98 -3.60 6.68
CA ARG A 172 -10.93 -4.44 5.95
C ARG A 172 -10.27 -5.38 4.96
N GLY A 173 -8.96 -5.59 5.05
CA GLY A 173 -8.29 -6.55 4.20
C GLY A 173 -7.57 -5.94 3.02
N TYR A 174 -7.84 -4.67 2.71
CA TYR A 174 -7.22 -4.04 1.56
C TYR A 174 -5.75 -3.74 1.84
N GLY A 175 -5.42 -3.30 3.05
CA GLY A 175 -4.02 -3.07 3.38
C GLY A 175 -3.20 -4.33 3.32
N ARG A 176 -3.76 -5.44 3.82
CA ARG A 176 -3.06 -6.71 3.72
C ARG A 176 -2.78 -7.07 2.27
N PHE A 177 -3.78 -6.87 1.41
CA PHE A 177 -3.58 -7.15 -0.01
C PHE A 177 -2.40 -6.35 -0.57
N LEU A 178 -2.33 -5.05 -0.25
CA LEU A 178 -1.22 -4.28 -0.82
C LEU A 178 0.11 -4.73 -0.27
N ILE A 179 0.19 -5.04 1.02
CA ILE A 179 1.44 -5.59 1.56
C ILE A 179 1.82 -6.87 0.80
N ALA A 180 0.87 -7.81 0.69
CA ALA A 180 1.16 -9.06 -0.01
C ALA A 180 1.55 -8.80 -1.45
N PHE A 181 0.87 -7.85 -2.11
CA PHE A 181 1.24 -7.47 -3.47
C PHE A 181 2.67 -6.97 -3.55
N SER A 182 3.06 -6.08 -2.64
CA SER A 182 4.41 -5.55 -2.68
C SER A 182 5.43 -6.69 -2.56
N TYR A 183 5.12 -7.74 -1.81
CA TYR A 183 6.07 -8.85 -1.73
C TYR A 183 5.99 -9.76 -2.94
N GLU A 184 4.82 -9.89 -3.58
CA GLU A 184 4.78 -10.65 -4.83
C GLU A 184 5.65 -10.01 -5.92
N LEU A 185 5.75 -8.68 -5.92
CA LEU A 185 6.63 -8.02 -6.87
C LEU A 185 8.10 -8.27 -6.54
N SER A 186 8.46 -8.20 -5.25
CA SER A 186 9.82 -8.52 -4.82
C SER A 186 10.20 -9.96 -5.21
N LYS A 187 9.28 -10.90 -4.99
CA LYS A 187 9.54 -12.28 -5.40
C LYS A 187 9.83 -12.36 -6.90
N LEU A 188 9.03 -11.67 -7.70
CA LEU A 188 9.24 -11.64 -9.16
C LEU A 188 10.57 -11.00 -9.53
N GLU A 189 11.03 -10.03 -8.74
CA GLU A 189 12.34 -9.45 -8.94
C GLU A 189 13.46 -10.29 -8.32
N SER A 190 13.14 -11.45 -7.74
CA SER A 190 14.14 -12.30 -7.09
C SER A 190 14.95 -11.52 -6.05
N THR A 191 14.27 -10.75 -5.23
CA THR A 191 14.96 -9.94 -4.23
C THR A 191 14.12 -9.93 -2.95
N VAL A 192 14.75 -9.56 -1.84
CA VAL A 192 14.02 -9.26 -0.62
C VAL A 192 13.73 -7.77 -0.59
N GLY A 193 12.81 -7.36 0.27
CA GLY A 193 12.53 -5.94 0.39
C GLY A 193 11.82 -5.69 1.70
N SER A 194 11.85 -4.43 2.13
CA SER A 194 11.18 -4.02 3.35
C SER A 194 10.57 -2.63 3.15
N PRO A 195 9.46 -2.33 3.84
CA PRO A 195 8.89 -0.98 3.69
C PRO A 195 9.84 0.05 4.27
N GLU A 196 9.86 1.23 3.66
CA GLU A 196 10.69 2.31 4.18
C GLU A 196 10.15 2.77 5.53
N LYS A 197 11.09 3.03 6.48
CA LYS A 197 10.79 3.59 7.79
C LYS A 197 10.87 5.11 7.75
N PRO A 198 10.18 5.82 8.66
CA PRO A 198 9.33 5.28 9.71
C PRO A 198 7.98 4.82 9.19
N LEU A 199 7.43 3.76 9.77
CA LEU A 199 6.10 3.31 9.39
C LEU A 199 5.05 4.12 10.16
N SER A 200 3.94 4.41 9.48
CA SER A 200 2.77 4.91 10.18
C SER A 200 2.35 3.97 11.30
N ASP A 201 1.58 4.51 12.23
CA ASP A 201 1.01 3.66 13.28
C ASP A 201 0.13 2.61 12.66
N LEU A 202 -0.81 2.99 11.73
CA LEU A 202 -1.50 1.80 11.22
C LEU A 202 -0.60 0.86 10.38
N GLY A 203 0.39 1.40 9.67
CA GLY A 203 1.21 0.54 8.82
C GLY A 203 2.01 -0.48 9.62
N LYS A 204 2.54 -0.06 10.76
CA LYS A 204 3.37 -0.96 11.56
C LYS A 204 2.56 -2.13 12.10
N LEU A 205 1.37 -1.88 12.63
CA LEU A 205 0.51 -2.94 13.10
C LEU A 205 0.22 -3.94 11.99
N SER A 206 -0.05 -3.42 10.79
CA SER A 206 -0.43 -4.26 9.65
C SER A 206 0.73 -5.12 9.17
N TYR A 207 1.93 -4.54 9.07
CA TYR A 207 3.08 -5.35 8.65
C TYR A 207 3.36 -6.45 9.66
N ARG A 208 3.37 -6.10 10.94
CA ARG A 208 3.63 -7.12 11.97
C ARG A 208 2.62 -8.25 11.86
N SER A 209 1.36 -7.91 11.62
CA SER A 209 0.33 -8.95 11.51
C SER A 209 0.51 -9.78 10.26
N TYR A 210 0.80 -9.13 9.13
CA TYR A 210 1.12 -9.85 7.90
C TYR A 210 2.32 -10.75 8.08
N TRP A 211 3.43 -10.21 8.58
CA TRP A 211 4.63 -11.01 8.74
C TRP A 211 4.35 -12.21 9.63
N SER A 212 3.68 -11.99 10.75
CA SER A 212 3.39 -13.08 11.67
C SER A 212 2.60 -14.18 10.95
N SER A 213 1.53 -13.81 10.25
CA SER A 213 0.66 -14.80 9.64
C SER A 213 1.40 -15.61 8.58
N VAL A 214 2.19 -14.93 7.73
CA VAL A 214 2.90 -15.58 6.64
C VAL A 214 3.94 -16.54 7.18
N LEU A 215 4.72 -16.09 8.16
CA LEU A 215 5.78 -16.92 8.69
C LEU A 215 5.22 -18.13 9.43
N LEU A 216 4.19 -17.92 10.24
CA LEU A 216 3.57 -19.03 10.98
C LEU A 216 2.92 -20.04 10.03
N GLU A 217 2.19 -19.56 9.03
CA GLU A 217 1.58 -20.46 8.06
C GLU A 217 2.63 -21.35 7.42
N ASN A 218 3.80 -20.78 7.11
CA ASN A 218 4.86 -21.55 6.50
C ASN A 218 5.47 -22.54 7.50
N LEU A 219 5.77 -22.08 8.70
CA LEU A 219 6.39 -22.98 9.69
C LEU A 219 5.46 -24.15 9.98
N ARG A 220 4.17 -23.89 10.16
CA ARG A 220 3.22 -24.98 10.39
C ARG A 220 3.21 -25.96 9.23
N ASP A 221 3.15 -25.47 8.00
CA ASP A 221 3.18 -26.36 6.84
C ASP A 221 4.43 -27.23 6.83
N LEU A 226 12.43 -25.35 8.68
CA LEU A 226 12.81 -24.18 7.89
C LEU A 226 13.77 -23.27 8.67
N SER A 227 14.74 -22.69 7.97
CA SER A 227 15.64 -21.70 8.55
C SER A 227 15.14 -20.27 8.27
N ILE A 228 15.73 -19.30 9.00
CA ILE A 228 15.44 -17.89 8.72
C ILE A 228 15.77 -17.55 7.27
N LYS A 229 16.94 -17.99 6.78
CA LYS A 229 17.28 -17.75 5.38
C LYS A 229 16.29 -18.41 4.44
N ASP A 230 15.88 -19.65 4.74
CA ASP A 230 14.82 -20.31 3.97
C ASP A 230 13.55 -19.44 3.89
N LEU A 231 13.10 -18.94 5.04
CA LEU A 231 11.86 -18.20 5.04
C LEU A 231 11.98 -16.93 4.21
N SER A 232 13.15 -16.29 4.27
CA SER A 232 13.36 -15.06 3.51
C SER A 232 13.29 -15.31 2.02
N GLN A 233 13.94 -16.40 1.56
CA GLN A 233 13.86 -16.77 0.16
C GLN A 233 12.45 -17.13 -0.26
N MET A 234 11.66 -17.76 0.62
CA MET A 234 10.30 -18.16 0.24
C MET A 234 9.37 -16.96 0.16
N THR A 235 9.59 -15.95 1.01
CA THR A 235 8.61 -14.87 1.22
C THR A 235 9.03 -13.51 0.70
N SER A 236 10.32 -13.29 0.46
CA SER A 236 10.92 -11.99 0.16
C SER A 236 10.87 -11.02 1.34
N ILE A 237 10.50 -11.49 2.52
CA ILE A 237 10.69 -10.73 3.75
C ILE A 237 12.16 -10.77 4.14
N THR A 238 12.70 -9.62 4.54
CA THR A 238 14.09 -9.56 4.94
C THR A 238 14.32 -10.42 6.17
N GLN A 239 15.55 -10.92 6.30
CA GLN A 239 15.88 -11.67 7.50
C GLN A 239 15.68 -10.83 8.76
N ASN A 240 15.96 -9.52 8.68
CA ASN A 240 15.75 -8.65 9.84
C ASN A 240 14.29 -8.63 10.28
N ASP A 241 13.38 -8.45 9.32
CA ASP A 241 11.96 -8.43 9.65
C ASP A 241 11.48 -9.81 10.08
N ILE A 242 12.02 -10.87 9.49
CA ILE A 242 11.72 -12.21 10.00
C ILE A 242 12.16 -12.34 11.45
N ILE A 243 13.38 -11.93 11.76
CA ILE A 243 13.90 -12.11 13.12
C ILE A 243 13.09 -11.27 14.11
N SER A 244 12.85 -9.99 13.80
CA SER A 244 12.08 -9.20 14.77
C SER A 244 10.67 -9.77 14.97
N THR A 245 10.03 -10.27 13.91
CA THR A 245 8.72 -10.91 14.09
C THR A 245 8.82 -12.16 14.97
N LEU A 246 9.77 -13.05 14.65
CA LEU A 246 9.91 -14.26 15.47
C LEU A 246 10.23 -13.92 16.93
N GLN A 247 11.03 -12.87 17.18
CA GLN A 247 11.29 -12.46 18.55
C GLN A 247 10.00 -12.06 19.27
N SER A 248 9.12 -11.33 18.61
CA SER A 248 7.88 -10.97 19.26
C SER A 248 7.00 -12.20 19.51
N LEU A 249 7.18 -13.26 18.72
CA LEU A 249 6.47 -14.50 18.93
C LEU A 249 7.23 -15.46 19.85
N ASN A 250 8.36 -14.99 20.37
CA ASN A 250 9.24 -15.79 21.22
C ASN A 250 9.59 -17.12 20.54
N MET A 251 10.04 -17.04 19.29
CA MET A 251 10.32 -18.25 18.53
C MET A 251 11.74 -18.29 17.95
N VAL A 252 12.67 -17.53 18.52
CA VAL A 252 14.06 -17.60 18.10
C VAL A 252 14.93 -17.69 19.35
N LYS A 253 15.97 -18.51 19.28
CA LYS A 253 17.03 -18.47 20.27
C LYS A 253 18.27 -17.83 19.67
N TYR A 254 19.19 -17.44 20.54
CA TYR A 254 20.44 -16.81 20.12
C TYR A 254 21.59 -17.75 20.47
N TRP A 255 22.50 -17.98 19.53
CA TRP A 255 23.56 -18.94 19.81
C TRP A 255 24.85 -18.47 19.14
N LYS A 256 25.85 -18.16 19.97
CA LYS A 256 27.16 -17.70 19.52
C LYS A 256 27.04 -16.67 18.41
N GLY A 257 26.21 -15.66 18.64
CA GLY A 257 26.13 -14.53 17.73
C GLY A 257 25.12 -14.67 16.61
N GLN A 258 24.37 -15.76 16.56
CA GLN A 258 23.42 -15.97 15.47
C GLN A 258 22.01 -16.19 16.02
N HIS A 259 21.04 -15.57 15.35
CA HIS A 259 19.65 -15.91 15.58
C HIS A 259 19.35 -17.25 14.92
N VAL A 260 18.59 -18.10 15.62
CA VAL A 260 18.20 -19.43 15.12
C VAL A 260 16.75 -19.72 15.49
N ILE A 261 15.96 -20.20 14.50
CA ILE A 261 14.55 -20.50 14.75
C ILE A 261 14.41 -21.62 15.76
N CYS A 262 13.41 -21.50 16.64
CA CYS A 262 13.11 -22.52 17.65
C CYS A 262 11.60 -22.59 17.82
N VAL A 263 10.98 -23.62 17.23
CA VAL A 263 9.52 -23.68 17.17
C VAL A 263 9.00 -25.10 17.37
N THR A 264 7.80 -25.20 17.92
CA THR A 264 7.06 -26.44 18.08
C THR A 264 5.60 -26.23 17.72
N PRO A 265 4.85 -27.32 17.45
CA PRO A 265 3.45 -27.18 17.01
C PRO A 265 2.58 -26.39 17.96
N LYS A 266 2.53 -26.80 19.22
CA LYS A 266 1.85 -26.02 20.24
C LYS A 266 2.30 -24.56 20.16
N LEU A 267 3.57 -24.32 19.83
CA LEU A 267 4.04 -22.95 19.65
C LEU A 267 3.39 -22.32 18.43
N VAL A 268 3.60 -22.93 17.25
CA VAL A 268 3.03 -22.37 16.02
C VAL A 268 1.52 -22.31 16.11
N GLU A 269 0.87 -23.48 16.14
CA GLU A 269 -0.58 -23.55 15.94
C GLU A 269 -1.35 -22.74 16.98
N GLU A 270 -0.74 -22.40 18.11
CA GLU A 270 -1.44 -21.58 19.10
C GLU A 270 -1.25 -20.09 18.89
N HIS A 271 -0.36 -19.66 17.99
CA HIS A 271 -0.29 -18.27 17.57
C HIS A 271 -1.10 -18.01 16.31
N LEU A 272 -1.69 -19.04 15.71
CA LEU A 272 -2.60 -18.91 14.59
C LEU A 272 -4.06 -19.04 14.98
N LYS A 273 -4.36 -19.71 16.09
CA LYS A 273 -5.73 -19.91 16.53
C LYS A 273 -6.20 -18.73 17.37
N LYS A 278 -8.59 -14.77 11.14
CA LYS A 278 -9.97 -15.26 11.10
C LYS A 278 -10.77 -14.64 9.96
N LYS A 279 -10.45 -13.39 9.63
CA LYS A 279 -11.06 -12.73 8.47
C LYS A 279 -10.40 -13.25 7.18
N PRO A 280 -11.15 -13.88 6.28
CA PRO A 280 -10.51 -14.44 5.08
C PRO A 280 -9.99 -13.34 4.18
N PRO A 281 -8.71 -13.38 3.82
CA PRO A 281 -8.11 -12.25 3.10
C PRO A 281 -8.54 -12.23 1.64
N ILE A 282 -8.27 -11.08 1.01
CA ILE A 282 -8.55 -10.93 -0.42
C ILE A 282 -7.66 -11.85 -1.23
N THR A 283 -6.36 -11.90 -0.90
CA THR A 283 -5.34 -12.75 -1.52
C THR A 283 -4.84 -12.17 -2.83
N VAL A 284 -3.54 -12.33 -3.06
CA VAL A 284 -2.92 -11.99 -4.33
C VAL A 284 -2.74 -13.31 -5.07
N ASP A 285 -3.44 -13.46 -6.19
CA ASP A 285 -3.39 -14.67 -6.99
C ASP A 285 -2.37 -14.43 -8.08
N SER A 286 -1.20 -15.04 -7.95
CA SER A 286 -0.14 -14.68 -8.87
C SER A 286 -0.47 -15.06 -10.31
N VAL A 287 -1.48 -15.91 -10.52
CA VAL A 287 -1.95 -16.15 -11.89
C VAL A 287 -2.49 -14.87 -12.52
N CYS A 288 -3.03 -13.96 -11.70
CA CYS A 288 -3.71 -12.77 -12.20
C CYS A 288 -2.81 -11.54 -12.27
N LEU A 289 -1.53 -11.71 -11.99
CA LEU A 289 -0.57 -10.62 -11.99
C LEU A 289 0.22 -10.65 -13.29
N LYS A 290 0.12 -9.59 -14.08
CA LYS A 290 0.77 -9.47 -15.39
C LYS A 290 2.02 -8.61 -15.26
N TRP A 291 3.17 -9.22 -15.05
CA TRP A 291 4.25 -8.31 -14.67
C TRP A 291 5.60 -8.99 -14.71
N ALA A 292 6.58 -8.28 -15.25
CA ALA A 292 7.98 -8.68 -15.31
C ALA A 292 8.87 -7.60 -14.71
N PRO A 293 10.02 -7.97 -14.16
CA PRO A 293 10.93 -6.98 -13.52
C PRO A 293 11.43 -5.93 -14.49
N PRO A 294 11.71 -4.71 -14.00
CA PRO A 294 12.26 -3.61 -14.79
C PRO A 294 13.73 -3.85 -15.16
#